data_6XQ1
#
_entry.id   6XQ1
#
_cell.length_a   102.180
_cell.length_b   102.180
_cell.length_c   102.407
_cell.angle_alpha   90.000
_cell.angle_beta   90.000
_cell.angle_gamma   120.000
#
_symmetry.space_group_name_H-M   'P 62'
#
loop_
_entity.id
_entity.type
_entity.pdbx_description
1 polymer 'Advanced glycosylation end product-specific receptor'
2 non-polymer 'ACETATE ION'
3 non-polymer 'CHLORIDE ION'
4 non-polymer '3-[3-({[3-(4-carboxyphenoxy)phenyl]methoxy}methyl)phenyl]-1H-indole-2-carboxylic acid'
5 water water
#
_entity_poly.entity_id   1
_entity_poly.type   'polypeptide(L)'
_entity_poly.pdbx_seq_one_letter_code
;GAMAQNITARIGEPLVLKCKGAPKKPPQRLEWKLNTGRTEAWKVLSPQGGGPWDSVARVLPNGSLFLPAVGIQDEGIFRC
QAMNRNGKETKSNYRVRVYQIPGKPEIVDSASELTAGVPNKVGTCVSEGSYPAGTLSWHLDGKPLVPNEKGVSVKEQTRR
HPETGLFTLQSELMVTPARGGDPRPTFSCSFSPGLPRHRALRTAPIQPRVWE
;
_entity_poly.pdbx_strand_id   A,B
#
loop_
_chem_comp.id
_chem_comp.type
_chem_comp.name
_chem_comp.formula
ACT non-polymer 'ACETATE ION' 'C2 H3 O2 -1'
CL non-polymer 'CHLORIDE ION' 'Cl -1'
V74 non-polymer '3-[3-({[3-(4-carboxyphenoxy)phenyl]methoxy}methyl)phenyl]-1H-indole-2-carboxylic acid' 'C30 H23 N O6'
#
# COMPACT_ATOMS: atom_id res chain seq x y z
N GLY A 1 -23.14 -2.65 -12.53
CA GLY A 1 -21.98 -1.95 -13.12
C GLY A 1 -21.12 -3.03 -13.76
N ALA A 2 -19.84 -2.63 -13.97
CA ALA A 2 -18.91 -3.57 -14.58
C ALA A 2 -18.04 -4.18 -13.49
N MET A 3 -17.21 -5.12 -13.87
CA MET A 3 -16.21 -5.72 -12.98
C MET A 3 -15.18 -4.69 -12.58
N ALA A 4 -14.90 -4.61 -11.29
CA ALA A 4 -14.02 -3.61 -10.73
C ALA A 4 -13.16 -4.15 -9.61
N GLN A 5 -12.01 -3.52 -9.40
CA GLN A 5 -11.24 -3.80 -8.19
CA GLN A 5 -11.22 -3.78 -8.19
C GLN A 5 -11.84 -3.01 -7.03
N ASN A 6 -12.12 -3.71 -5.93
CA ASN A 6 -12.66 -3.04 -4.75
C ASN A 6 -11.53 -2.37 -3.97
N ILE A 7 -11.74 -1.10 -3.63
CA ILE A 7 -10.79 -0.27 -2.91
C ILE A 7 -11.47 0.22 -1.65
N THR A 8 -10.83 0.00 -0.49
CA THR A 8 -11.35 0.59 0.75
C THR A 8 -10.39 1.68 1.20
N ALA A 9 -10.95 2.85 1.40
CA ALA A 9 -10.14 4.04 1.64
C ALA A 9 -10.59 4.68 2.95
N ARG A 10 -9.63 4.86 3.85
CA ARG A 10 -9.93 5.41 5.18
C ARG A 10 -10.10 6.93 5.04
N ILE A 11 -11.16 7.45 5.63
CA ILE A 11 -11.40 8.90 5.61
C ILE A 11 -10.22 9.65 6.23
N GLY A 12 -9.80 10.72 5.51
CA GLY A 12 -8.77 11.59 5.95
C GLY A 12 -7.38 11.17 5.46
N GLU A 13 -7.26 9.95 4.90
CA GLU A 13 -5.94 9.47 4.42
CA GLU A 13 -5.97 9.44 4.43
C GLU A 13 -5.85 9.65 2.92
N PRO A 14 -4.64 9.76 2.39
CA PRO A 14 -4.49 9.84 0.94
C PRO A 14 -4.86 8.54 0.26
N LEU A 15 -5.17 8.67 -1.02
CA LEU A 15 -5.43 7.51 -1.87
C LEU A 15 -4.75 7.69 -3.23
N VAL A 16 -4.01 6.68 -3.65
CA VAL A 16 -3.40 6.64 -5.00
C VAL A 16 -4.04 5.49 -5.76
N LEU A 17 -4.58 5.78 -6.95
CA LEU A 17 -5.17 4.75 -7.84
C LEU A 17 -4.34 4.65 -9.12
N LYS A 18 -3.85 3.45 -9.44
CA LYS A 18 -2.99 3.24 -10.60
C LYS A 18 -3.80 3.28 -11.91
N CYS A 19 -3.21 3.90 -12.93
CA CYS A 19 -3.74 3.84 -14.30
C CYS A 19 -2.95 2.75 -15.02
N LYS A 20 -3.52 1.56 -15.10
CA LYS A 20 -2.83 0.42 -15.70
C LYS A 20 -2.53 0.68 -17.17
N GLY A 21 -1.36 0.26 -17.65
CA GLY A 21 -1.08 0.43 -19.06
C GLY A 21 -0.63 1.81 -19.46
N ALA A 22 -0.43 2.75 -18.48
CA ALA A 22 -0.01 4.02 -19.03
C ALA A 22 1.51 4.08 -19.07
N PRO A 23 2.06 4.89 -19.97
CA PRO A 23 3.53 5.07 -19.97
C PRO A 23 3.99 5.60 -18.62
N LYS A 24 5.28 5.36 -18.33
CA LYS A 24 5.80 5.66 -16.99
C LYS A 24 5.86 7.14 -16.66
N LYS A 25 5.98 8.01 -17.65
CA LYS A 25 6.09 9.44 -17.41
C LYS A 25 5.52 10.13 -18.64
N PRO A 26 5.18 11.42 -18.54
CA PRO A 26 4.60 12.10 -19.70
C PRO A 26 5.56 12.08 -20.86
N PRO A 27 5.05 12.14 -22.12
CA PRO A 27 3.63 12.35 -22.47
C PRO A 27 2.77 11.09 -22.41
N GLN A 28 1.52 11.24 -21.99
CA GLN A 28 0.65 10.08 -21.85
C GLN A 28 -0.72 10.39 -22.41
N ARG A 29 -1.22 9.46 -23.20
CA ARG A 29 -2.60 9.52 -23.68
C ARG A 29 -3.41 8.73 -22.69
N LEU A 30 -3.93 9.44 -21.68
CA LEU A 30 -4.81 8.77 -20.73
C LEU A 30 -5.86 9.75 -20.23
N GLU A 31 -6.96 9.16 -19.70
CA GLU A 31 -8.06 9.94 -19.15
C GLU A 31 -8.64 9.22 -17.94
N TRP A 32 -8.91 9.95 -16.86
CA TRP A 32 -9.69 9.41 -15.74
C TRP A 32 -11.10 9.93 -15.78
N LYS A 33 -12.02 9.06 -15.37
CA LYS A 33 -13.45 9.40 -15.24
C LYS A 33 -13.89 8.96 -13.88
N LEU A 34 -14.63 9.82 -13.18
CA LEU A 34 -15.08 9.41 -11.86
C LEU A 34 -16.55 9.80 -11.70
N ASN A 35 -17.25 8.97 -10.93
CA ASN A 35 -18.65 9.27 -10.56
C ASN A 35 -18.74 9.00 -9.06
N THR A 36 -18.81 10.06 -8.28
CA THR A 36 -18.78 9.98 -6.79
C THR A 36 -19.83 10.93 -6.23
N GLY A 37 -19.82 11.03 -4.90
CA GLY A 37 -20.77 11.95 -4.28
C GLY A 37 -20.54 13.40 -4.67
N ARG A 38 -19.33 13.73 -5.19
CA ARG A 38 -19.02 15.10 -5.62
C ARG A 38 -19.52 15.42 -7.02
N THR A 39 -19.87 14.39 -7.82
CA THR A 39 -20.08 14.66 -9.24
C THR A 39 -21.54 14.56 -9.63
N GLU A 40 -21.89 15.18 -10.79
CA GLU A 40 -23.16 14.90 -11.48
C GLU A 40 -22.79 13.88 -12.57
N ALA A 41 -23.05 12.62 -12.32
CA ALA A 41 -22.68 11.52 -13.25
C ALA A 41 -21.16 11.55 -13.46
N TRP A 42 -20.61 11.36 -14.67
CA TRP A 42 -19.16 11.26 -14.79
CA TRP A 42 -19.15 11.24 -14.87
C TRP A 42 -18.47 12.61 -14.97
N LYS A 43 -17.37 12.76 -14.27
CA LYS A 43 -16.45 13.88 -14.41
C LYS A 43 -15.13 13.34 -14.98
N VAL A 44 -14.63 14.01 -16.06
CA VAL A 44 -13.35 13.63 -16.68
C VAL A 44 -12.20 14.44 -16.06
N LEU A 45 -11.11 13.78 -15.70
CA LEU A 45 -9.88 14.45 -15.21
C LEU A 45 -8.72 14.07 -16.13
N SER A 46 -7.87 15.04 -16.48
CA SER A 46 -6.79 14.85 -17.44
CA SER A 46 -6.79 14.80 -17.42
C SER A 46 -5.43 15.11 -16.79
N PRO A 47 -4.32 14.64 -17.40
CA PRO A 47 -3.02 14.95 -16.79
C PRO A 47 -2.78 16.43 -16.60
N GLN A 48 -3.30 17.31 -17.49
CA GLN A 48 -2.99 18.73 -17.31
C GLN A 48 -3.71 19.29 -16.10
N GLY A 49 -4.86 18.72 -15.74
CA GLY A 49 -5.52 19.19 -14.54
C GLY A 49 -6.04 20.60 -14.73
N GLY A 50 -6.09 21.34 -13.64
CA GLY A 50 -6.58 22.70 -13.59
C GLY A 50 -7.89 22.78 -12.80
N GLY A 51 -8.13 23.95 -12.21
CA GLY A 51 -9.42 24.22 -11.61
C GLY A 51 -9.54 23.67 -10.20
N PRO A 52 -10.76 23.78 -9.66
CA PRO A 52 -10.97 23.35 -8.27
C PRO A 52 -10.78 21.86 -8.04
N TRP A 53 -10.90 21.02 -9.09
CA TRP A 53 -10.62 19.62 -8.86
C TRP A 53 -9.15 19.38 -8.46
N ASP A 54 -8.21 20.29 -8.82
CA ASP A 54 -6.82 20.01 -8.43
C ASP A 54 -6.68 19.88 -6.92
N SER A 55 -7.59 20.51 -6.15
CA SER A 55 -7.52 20.40 -4.67
C SER A 55 -7.98 19.05 -4.16
N VAL A 56 -8.70 18.30 -4.97
CA VAL A 56 -9.39 17.11 -4.55
C VAL A 56 -8.73 15.85 -5.13
N ALA A 57 -8.53 15.82 -6.46
CA ALA A 57 -8.02 14.60 -7.14
C ALA A 57 -7.19 15.10 -8.30
N ARG A 58 -5.90 14.71 -8.37
CA ARG A 58 -4.94 15.18 -9.37
CA ARG A 58 -5.00 15.17 -9.42
C ARG A 58 -4.25 13.99 -10.02
N VAL A 59 -3.99 14.07 -11.34
CA VAL A 59 -3.17 13.04 -12.00
C VAL A 59 -1.70 13.30 -11.73
N LEU A 60 -0.95 12.25 -11.27
CA LEU A 60 0.49 12.30 -10.98
C LEU A 60 1.32 12.08 -12.24
N PRO A 61 2.63 12.32 -12.17
CA PRO A 61 3.46 12.13 -13.37
C PRO A 61 3.35 10.73 -13.94
N ASN A 62 3.18 9.70 -13.14
CA ASN A 62 3.08 8.33 -13.65
C ASN A 62 1.63 7.97 -14.06
N GLY A 63 0.74 8.95 -14.07
CA GLY A 63 -0.63 8.72 -14.54
C GLY A 63 -1.59 8.23 -13.48
N SER A 64 -1.12 7.95 -12.27
CA SER A 64 -2.01 7.56 -11.20
C SER A 64 -2.85 8.77 -10.75
N LEU A 65 -4.02 8.47 -10.21
CA LEU A 65 -4.87 9.51 -9.60
C LEU A 65 -4.60 9.61 -8.10
N PHE A 66 -4.41 10.85 -7.61
CA PHE A 66 -4.05 11.10 -6.21
C PHE A 66 -5.11 11.96 -5.55
N LEU A 67 -5.61 11.48 -4.42
CA LEU A 67 -6.54 12.24 -3.54
C LEU A 67 -5.79 12.46 -2.24
N PRO A 68 -5.41 13.67 -1.87
CA PRO A 68 -4.61 13.86 -0.65
C PRO A 68 -5.32 13.47 0.65
N ALA A 69 -6.67 13.60 0.73
CA ALA A 69 -7.39 13.30 1.98
C ALA A 69 -8.80 12.90 1.59
N VAL A 70 -9.04 11.59 1.56
CA VAL A 70 -10.37 11.08 1.14
C VAL A 70 -11.45 11.56 2.10
N GLY A 71 -12.63 11.87 1.56
CA GLY A 71 -13.81 12.11 2.37
C GLY A 71 -14.97 11.19 1.98
N ILE A 72 -16.07 11.34 2.77
CA ILE A 72 -17.26 10.52 2.50
C ILE A 72 -17.75 10.73 1.06
N GLN A 73 -17.65 11.97 0.54
CA GLN A 73 -18.18 12.19 -0.80
C GLN A 73 -17.32 11.61 -1.90
N ASP A 74 -16.16 11.06 -1.58
CA ASP A 74 -15.36 10.40 -2.63
C ASP A 74 -15.75 8.97 -2.87
N GLU A 75 -16.69 8.40 -2.15
CA GLU A 75 -17.21 7.09 -2.46
C GLU A 75 -17.75 7.08 -3.88
N GLY A 76 -17.43 6.02 -4.64
CA GLY A 76 -17.98 5.95 -6.00
C GLY A 76 -17.07 5.11 -6.91
N ILE A 77 -17.14 5.45 -8.17
CA ILE A 77 -16.47 4.66 -9.20
C ILE A 77 -15.40 5.52 -9.88
N PHE A 78 -14.19 4.94 -10.05
CA PHE A 78 -13.03 5.65 -10.64
C PHE A 78 -12.46 4.79 -11.75
N ARG A 79 -12.33 5.35 -12.96
CA ARG A 79 -11.88 4.57 -14.09
C ARG A 79 -10.82 5.31 -14.84
N CYS A 80 -9.88 4.56 -15.38
CA CYS A 80 -8.88 5.14 -16.26
C CYS A 80 -8.90 4.42 -17.59
N GLN A 81 -8.57 5.14 -18.68
CA GLN A 81 -8.31 4.48 -19.93
C GLN A 81 -7.02 5.10 -20.49
N ALA A 82 -6.07 4.25 -20.89
CA ALA A 82 -4.76 4.72 -21.32
C ALA A 82 -4.37 3.99 -22.59
N MET A 83 -3.51 4.65 -23.39
CA MET A 83 -2.83 4.02 -24.52
C MET A 83 -1.34 3.95 -24.20
N ASN A 84 -0.72 2.80 -24.46
CA ASN A 84 0.72 2.70 -24.30
C ASN A 84 1.42 3.18 -25.58
N ARG A 85 2.77 3.13 -25.58
CA ARG A 85 3.54 3.57 -26.74
C ARG A 85 3.11 2.86 -28.04
N ASN A 86 2.84 1.55 -27.96
CA ASN A 86 2.38 0.78 -29.13
C ASN A 86 0.96 1.15 -29.57
N GLY A 87 0.14 1.73 -28.69
CA GLY A 87 -1.23 2.06 -29.03
C GLY A 87 -2.27 1.11 -28.48
N LYS A 88 -1.85 0.13 -27.68
CA LYS A 88 -2.77 -0.77 -27.02
C LYS A 88 -3.49 0.00 -25.92
N GLU A 89 -4.81 -0.13 -25.86
CA GLU A 89 -5.61 0.52 -24.82
C GLU A 89 -5.81 -0.42 -23.63
N THR A 90 -5.74 0.16 -22.44
CA THR A 90 -5.94 -0.56 -21.20
C THR A 90 -6.91 0.23 -20.33
N LYS A 91 -7.90 -0.47 -19.78
CA LYS A 91 -8.86 0.12 -18.85
C LYS A 91 -8.55 -0.32 -17.42
N SER A 92 -8.80 0.59 -16.49
CA SER A 92 -8.75 0.31 -15.06
C SER A 92 -10.08 0.74 -14.45
N ASN A 93 -10.64 -0.13 -13.61
CA ASN A 93 -11.96 0.15 -13.02
C ASN A 93 -11.90 -0.11 -11.53
N TYR A 94 -12.21 0.93 -10.74
CA TYR A 94 -12.16 0.83 -9.28
C TYR A 94 -13.49 1.22 -8.65
N ARG A 95 -13.90 0.43 -7.64
CA ARG A 95 -15.05 0.84 -6.81
C ARG A 95 -14.49 1.19 -5.45
N VAL A 96 -14.61 2.48 -5.09
CA VAL A 96 -14.01 3.02 -3.87
C VAL A 96 -15.10 3.17 -2.80
N ARG A 97 -14.86 2.49 -1.68
CA ARG A 97 -15.74 2.52 -0.51
C ARG A 97 -14.96 3.15 0.62
N VAL A 98 -15.58 4.13 1.30
CA VAL A 98 -14.83 4.85 2.34
C VAL A 98 -15.22 4.36 3.75
N TYR A 99 -14.32 4.55 4.69
CA TYR A 99 -14.64 4.12 6.06
C TYR A 99 -13.86 4.91 7.10
N GLN A 100 -14.37 4.87 8.33
CA GLN A 100 -13.59 5.32 9.49
C GLN A 100 -13.83 4.38 10.66
N ILE A 101 -12.78 4.22 11.45
CA ILE A 101 -12.79 3.33 12.62
C ILE A 101 -13.22 4.19 13.80
N PRO A 102 -14.24 3.78 14.56
CA PRO A 102 -14.58 4.54 15.77
C PRO A 102 -13.55 4.29 16.85
N GLY A 103 -13.66 5.14 17.90
CA GLY A 103 -12.93 4.89 19.13
C GLY A 103 -13.44 3.62 19.77
N LYS A 104 -12.64 3.08 20.68
CA LYS A 104 -13.01 1.87 21.41
C LYS A 104 -14.40 2.06 22.05
N PRO A 105 -15.28 1.09 21.94
CA PRO A 105 -16.62 1.26 22.54
C PRO A 105 -16.53 1.25 24.05
N GLU A 106 -17.54 1.88 24.66
CA GLU A 106 -17.61 1.98 26.11
C GLU A 106 -18.99 1.58 26.61
N ILE A 107 -19.03 0.99 27.81
CA ILE A 107 -20.29 0.77 28.50
C ILE A 107 -20.47 1.90 29.50
N VAL A 108 -21.60 2.62 29.38
CA VAL A 108 -22.04 3.59 30.40
C VAL A 108 -23.34 3.15 31.12
N ASP A 109 -23.53 3.68 32.33
CA ASP A 109 -24.72 3.46 33.14
C ASP A 109 -24.93 1.98 33.46
N SER A 110 -23.86 1.28 33.75
CA SER A 110 -23.99 -0.15 33.99
C SER A 110 -24.61 -0.43 35.36
N ALA A 111 -25.38 -1.50 35.44
CA ALA A 111 -25.98 -1.88 36.72
C ALA A 111 -24.95 -2.63 37.56
N SER A 112 -24.95 -2.35 38.86
CA SER A 112 -24.12 -3.17 39.72
CA SER A 112 -24.14 -3.14 39.79
C SER A 112 -24.87 -4.37 40.29
N GLU A 113 -26.20 -4.32 40.34
CA GLU A 113 -27.00 -5.41 40.90
C GLU A 113 -28.11 -5.75 39.93
N LEU A 114 -28.34 -7.04 39.73
CA LEU A 114 -29.46 -7.53 38.94
C LEU A 114 -30.30 -8.44 39.83
N THR A 115 -31.61 -8.46 39.59
CA THR A 115 -32.52 -9.35 40.30
C THR A 115 -32.99 -10.43 39.35
N ALA A 116 -32.80 -11.69 39.73
CA ALA A 116 -33.20 -12.79 38.84
C ALA A 116 -34.71 -12.84 38.70
N GLY A 117 -35.17 -13.24 37.51
CA GLY A 117 -36.58 -13.45 37.28
C GLY A 117 -37.38 -12.22 36.91
N VAL A 118 -36.77 -11.05 36.87
CA VAL A 118 -37.43 -9.81 36.45
C VAL A 118 -36.53 -9.11 35.43
N PRO A 119 -37.07 -8.17 34.65
CA PRO A 119 -36.22 -7.46 33.70
C PRO A 119 -35.34 -6.47 34.43
N ASN A 120 -34.12 -6.32 33.95
CA ASN A 120 -33.12 -5.42 34.51
C ASN A 120 -32.41 -4.69 33.39
N LYS A 121 -32.18 -3.38 33.54
CA LYS A 121 -31.30 -2.65 32.66
C LYS A 121 -29.85 -2.99 32.99
N VAL A 122 -29.13 -3.57 32.05
CA VAL A 122 -27.75 -3.99 32.28
C VAL A 122 -26.78 -2.86 32.03
N GLY A 123 -26.95 -2.12 30.94
CA GLY A 123 -26.03 -1.06 30.60
C GLY A 123 -26.36 -0.50 29.23
N THR A 124 -25.60 0.53 28.87
CA THR A 124 -25.71 1.16 27.57
C THR A 124 -24.34 1.19 26.92
N CYS A 125 -24.21 0.62 25.73
CA CYS A 125 -22.94 0.61 25.01
C CYS A 125 -22.94 1.75 24.00
N VAL A 126 -21.81 2.47 23.92
CA VAL A 126 -21.67 3.62 23.02
C VAL A 126 -20.39 3.51 22.19
N SER A 127 -20.54 3.75 20.89
CA SER A 127 -19.42 3.80 19.95
CA SER A 127 -19.41 3.81 19.97
C SER A 127 -19.48 5.11 19.20
N GLU A 128 -18.37 5.85 19.14
CA GLU A 128 -18.40 7.16 18.46
C GLU A 128 -17.40 7.22 17.32
N GLY A 129 -17.85 7.68 16.15
CA GLY A 129 -16.95 8.02 15.07
C GLY A 129 -16.80 7.01 13.96
N SER A 130 -17.79 6.17 13.68
CA SER A 130 -17.63 5.18 12.60
C SER A 130 -18.18 5.66 11.26
N TYR A 131 -17.64 5.05 10.18
CA TYR A 131 -18.29 5.10 8.87
C TYR A 131 -17.91 3.82 8.13
N PRO A 132 -18.84 3.11 7.49
CA PRO A 132 -20.30 3.28 7.61
C PRO A 132 -20.70 3.01 9.04
N ALA A 133 -22.01 3.08 9.30
CA ALA A 133 -22.40 3.07 10.72
C ALA A 133 -21.85 1.86 11.50
N GLY A 134 -21.98 0.63 10.96
CA GLY A 134 -21.63 -0.55 11.74
C GLY A 134 -22.76 -0.83 12.73
N THR A 135 -22.49 -1.81 13.59
CA THR A 135 -23.54 -2.24 14.55
C THR A 135 -22.90 -2.57 15.88
N LEU A 136 -23.70 -2.52 16.97
CA LEU A 136 -23.28 -2.96 18.30
C LEU A 136 -24.00 -4.26 18.69
N SER A 137 -23.31 -5.12 19.42
CA SER A 137 -23.95 -6.34 19.89
C SER A 137 -23.43 -6.66 21.27
N TRP A 138 -24.18 -7.50 22.01
CA TRP A 138 -23.86 -7.82 23.38
C TRP A 138 -23.50 -9.29 23.52
N HIS A 139 -22.66 -9.59 24.51
CA HIS A 139 -22.24 -10.95 24.84
C HIS A 139 -22.33 -11.20 26.33
N LEU A 140 -22.63 -12.45 26.66
CA LEU A 140 -22.73 -12.90 28.04
C LEU A 140 -21.82 -14.12 28.17
N ASP A 141 -20.84 -14.00 29.06
CA ASP A 141 -19.78 -14.98 29.28
C ASP A 141 -19.30 -15.62 27.97
N GLY A 142 -18.97 -14.76 27.02
CA GLY A 142 -18.39 -15.18 25.77
C GLY A 142 -19.36 -15.69 24.73
N LYS A 143 -20.65 -15.63 24.97
CA LYS A 143 -21.53 -16.06 23.89
C LYS A 143 -22.42 -14.90 23.47
N PRO A 144 -22.78 -14.83 22.20
CA PRO A 144 -23.67 -13.76 21.73
C PRO A 144 -25.01 -13.80 22.45
N LEU A 145 -25.47 -12.62 22.86
CA LEU A 145 -26.82 -12.44 23.35
C LEU A 145 -27.70 -12.06 22.18
N VAL A 146 -28.75 -12.82 21.93
CA VAL A 146 -29.61 -12.55 20.77
C VAL A 146 -30.85 -11.80 21.24
N PRO A 147 -31.16 -10.63 20.70
CA PRO A 147 -32.38 -9.93 21.10
C PRO A 147 -33.66 -10.76 20.87
N ASN A 148 -34.59 -10.59 21.78
CA ASN A 148 -35.91 -11.23 21.83
C ASN A 148 -35.85 -12.74 22.03
N GLU A 149 -34.71 -13.28 22.46
CA GLU A 149 -34.60 -14.69 22.84
C GLU A 149 -34.18 -14.77 24.29
N LYS A 150 -34.84 -15.65 25.05
CA LYS A 150 -34.44 -15.95 26.42
C LYS A 150 -34.37 -14.72 27.33
N GLY A 151 -35.44 -13.91 27.34
CA GLY A 151 -35.47 -12.76 28.25
C GLY A 151 -34.46 -11.65 27.97
N VAL A 152 -34.10 -11.44 26.73
CA VAL A 152 -33.16 -10.38 26.35
C VAL A 152 -33.92 -9.36 25.53
N SER A 153 -33.77 -8.08 25.85
CA SER A 153 -34.25 -7.08 24.91
CA SER A 153 -34.31 -6.99 25.03
C SER A 153 -33.22 -5.97 24.74
N VAL A 154 -33.21 -5.40 23.55
CA VAL A 154 -32.24 -4.38 23.21
C VAL A 154 -32.96 -3.24 22.52
N LYS A 155 -32.54 -2.03 22.83
CA LYS A 155 -32.95 -0.85 22.07
C LYS A 155 -31.72 -0.14 21.53
N GLU A 156 -31.85 0.47 20.32
CA GLU A 156 -30.72 1.04 19.62
C GLU A 156 -31.02 2.45 19.15
N GLN A 157 -29.98 3.24 19.08
CA GLN A 157 -30.02 4.61 18.59
C GLN A 157 -28.82 4.91 17.71
N THR A 158 -29.05 5.69 16.63
CA THR A 158 -27.99 6.17 15.76
C THR A 158 -28.08 7.69 15.63
N ARG A 159 -26.92 8.34 15.74
CA ARG A 159 -26.80 9.79 15.53
CA ARG A 159 -26.80 9.79 15.53
C ARG A 159 -25.61 10.05 14.63
N ARG A 160 -25.62 11.22 13.94
CA ARG A 160 -24.47 11.63 13.14
CA ARG A 160 -24.48 11.62 13.12
C ARG A 160 -23.88 12.93 13.63
N HIS A 161 -22.55 13.01 13.55
CA HIS A 161 -21.90 14.26 13.90
C HIS A 161 -22.26 15.30 12.85
N PRO A 162 -22.66 16.49 13.23
CA PRO A 162 -23.23 17.44 12.27
C PRO A 162 -22.24 17.96 11.24
N GLU A 163 -20.93 17.93 11.53
CA GLU A 163 -19.95 18.40 10.55
C GLU A 163 -19.22 17.26 9.87
N THR A 164 -18.86 16.21 10.60
CA THR A 164 -18.07 15.16 9.94
C THR A 164 -18.89 14.07 9.34
N GLY A 165 -20.18 13.94 9.73
CA GLY A 165 -20.97 12.86 9.16
C GLY A 165 -20.74 11.51 9.80
N LEU A 166 -19.81 11.41 10.75
CA LEU A 166 -19.52 10.09 11.34
C LEU A 166 -20.61 9.69 12.33
N PHE A 167 -20.78 8.38 12.51
CA PHE A 167 -21.88 7.83 13.31
C PHE A 167 -21.50 7.56 14.76
N THR A 168 -22.44 7.88 15.66
CA THR A 168 -22.41 7.43 17.05
C THR A 168 -23.57 6.48 17.26
N LEU A 169 -23.26 5.27 17.76
CA LEU A 169 -24.26 4.23 18.03
C LEU A 169 -24.42 4.06 19.53
N GLN A 170 -25.64 3.82 19.97
CA GLN A 170 -25.93 3.47 21.35
CA GLN A 170 -25.90 3.43 21.35
C GLN A 170 -26.82 2.23 21.38
N SER A 171 -26.56 1.33 22.32
CA SER A 171 -27.33 0.10 22.46
C SER A 171 -27.57 -0.12 23.95
N GLU A 172 -28.86 -0.22 24.34
CA GLU A 172 -29.26 -0.45 25.74
CA GLU A 172 -29.26 -0.44 25.73
C GLU A 172 -29.74 -1.88 25.88
N LEU A 173 -29.11 -2.61 26.81
CA LEU A 173 -29.40 -4.01 27.03
C LEU A 173 -30.25 -4.19 28.26
N MET A 174 -31.32 -4.99 28.15
CA MET A 174 -32.10 -5.47 29.30
C MET A 174 -32.11 -6.99 29.30
N VAL A 175 -31.97 -7.59 30.48
CA VAL A 175 -32.04 -9.04 30.63
C VAL A 175 -32.91 -9.41 31.83
N THR A 176 -33.56 -10.57 31.70
CA THR A 176 -34.20 -11.26 32.83
C THR A 176 -33.34 -12.48 33.16
N PRO A 177 -32.50 -12.43 34.20
CA PRO A 177 -31.67 -13.59 34.53
C PRO A 177 -32.52 -14.77 34.94
N ALA A 178 -32.16 -15.95 34.45
CA ALA A 178 -32.85 -17.16 34.88
C ALA A 178 -32.57 -17.47 36.35
N ARG A 179 -33.61 -17.88 37.06
CA ARG A 179 -33.44 -18.26 38.46
C ARG A 179 -32.43 -19.41 38.59
N GLY A 180 -31.62 -19.34 39.63
CA GLY A 180 -30.58 -20.32 39.85
C GLY A 180 -29.42 -20.27 38.89
N GLY A 181 -29.22 -19.16 38.18
CA GLY A 181 -28.13 -19.02 37.23
C GLY A 181 -26.85 -18.54 37.91
N ASP A 182 -25.90 -18.09 37.09
CA ASP A 182 -24.60 -17.70 37.63
C ASP A 182 -24.72 -16.40 38.43
N PRO A 183 -24.23 -16.35 39.67
CA PRO A 183 -24.38 -15.12 40.47
C PRO A 183 -23.50 -13.97 40.02
N ARG A 184 -22.45 -14.21 39.24
CA ARG A 184 -21.55 -13.15 38.79
C ARG A 184 -21.34 -13.26 37.28
N PRO A 185 -22.37 -12.96 36.47
CA PRO A 185 -22.21 -13.04 35.00
C PRO A 185 -21.29 -11.96 34.50
N THR A 186 -20.78 -12.15 33.27
CA THR A 186 -19.89 -11.20 32.63
C THR A 186 -20.49 -10.78 31.30
N PHE A 187 -20.77 -9.49 31.15
CA PHE A 187 -21.33 -8.94 29.93
C PHE A 187 -20.29 -8.09 29.23
N SER A 188 -20.33 -8.10 27.89
CA SER A 188 -19.53 -7.14 27.12
C SER A 188 -20.31 -6.71 25.89
N CYS A 189 -19.83 -5.65 25.25
CA CYS A 189 -20.42 -5.18 24.00
C CYS A 189 -19.32 -5.07 22.97
N SER A 190 -19.66 -5.33 21.71
CA SER A 190 -18.71 -5.26 20.60
CA SER A 190 -18.71 -5.24 20.63
C SER A 190 -19.26 -4.37 19.50
N PHE A 191 -18.35 -3.65 18.83
CA PHE A 191 -18.65 -2.89 17.61
C PHE A 191 -18.19 -3.74 16.41
N SER A 192 -19.12 -4.01 15.47
CA SER A 192 -18.81 -4.72 14.22
CA SER A 192 -18.81 -4.73 14.22
C SER A 192 -18.82 -3.73 13.08
N PRO A 193 -17.69 -3.51 12.38
CA PRO A 193 -17.69 -2.57 11.26
C PRO A 193 -18.57 -3.04 10.13
N GLY A 194 -18.96 -2.07 9.30
CA GLY A 194 -19.72 -2.43 8.08
C GLY A 194 -18.90 -3.12 7.00
N LEU A 195 -17.65 -2.74 6.81
CA LEU A 195 -16.97 -3.36 5.64
C LEU A 195 -16.39 -4.76 5.92
N PRO A 196 -16.24 -5.61 4.89
CA PRO A 196 -15.71 -6.98 5.11
C PRO A 196 -14.28 -6.99 5.63
N ARG A 197 -13.99 -7.95 6.51
CA ARG A 197 -12.65 -8.23 7.01
C ARG A 197 -12.12 -7.15 7.95
N HIS A 198 -12.89 -6.14 8.28
CA HIS A 198 -12.44 -5.20 9.30
C HIS A 198 -12.71 -5.80 10.68
N ARG A 199 -11.80 -5.59 11.63
CA ARG A 199 -11.90 -6.26 12.93
C ARG A 199 -12.91 -5.57 13.85
N ALA A 200 -13.51 -6.39 14.71
CA ALA A 200 -14.43 -5.90 15.74
C ALA A 200 -13.65 -5.25 16.87
N LEU A 201 -14.30 -4.33 17.57
CA LEU A 201 -13.76 -3.70 18.78
C LEU A 201 -14.64 -4.09 19.96
N ARG A 202 -14.05 -4.33 21.13
CA ARG A 202 -14.80 -4.88 22.27
C ARG A 202 -14.65 -3.96 23.47
N THR A 203 -15.71 -3.86 24.27
CA THR A 203 -15.60 -3.12 25.52
C THR A 203 -14.91 -3.95 26.60
N ALA A 204 -14.50 -3.23 27.64
CA ALA A 204 -14.18 -3.89 28.87
C ALA A 204 -15.44 -4.55 29.44
N PRO A 205 -15.30 -5.67 30.12
CA PRO A 205 -16.48 -6.38 30.62
C PRO A 205 -17.07 -5.73 31.88
N ILE A 206 -18.35 -6.00 32.10
CA ILE A 206 -18.93 -5.67 33.39
C ILE A 206 -19.45 -6.94 34.04
N GLN A 207 -19.37 -6.96 35.38
CA GLN A 207 -19.73 -8.13 36.16
C GLN A 207 -20.61 -7.71 37.34
N PRO A 208 -21.91 -7.59 37.12
CA PRO A 208 -22.82 -7.33 38.22
C PRO A 208 -23.05 -8.55 39.08
N ARG A 209 -23.63 -8.33 40.28
CA ARG A 209 -24.10 -9.43 41.12
C ARG A 209 -25.58 -9.67 40.86
N VAL A 210 -25.96 -10.94 40.80
CA VAL A 210 -27.35 -11.34 40.59
C VAL A 210 -27.94 -11.86 41.89
N TRP A 211 -29.07 -11.30 42.30
CA TRP A 211 -29.74 -11.71 43.51
CA TRP A 211 -29.78 -11.70 43.52
C TRP A 211 -30.83 -12.74 43.19
N GLU A 212 -30.81 -13.85 43.90
CA GLU A 212 -31.83 -14.86 43.67
C GLU A 212 -33.10 -14.38 44.33
N GLY B 1 23.57 3.83 11.84
CA GLY B 1 22.38 4.66 12.05
C GLY B 1 21.54 3.99 13.11
N ALA B 2 20.25 4.39 13.15
CA ALA B 2 19.34 3.81 14.13
C ALA B 2 18.50 2.76 13.43
N MET B 3 17.67 2.07 14.20
CA MET B 3 16.70 1.11 13.67
C MET B 3 15.66 1.84 12.85
N ALA B 4 15.39 1.32 11.65
CA ALA B 4 14.48 1.93 10.72
C ALA B 4 13.65 0.91 9.99
N GLN B 5 12.48 1.35 9.50
CA GLN B 5 11.74 0.52 8.56
CA GLN B 5 11.71 0.56 8.56
C GLN B 5 12.33 0.72 7.18
N ASN B 6 12.63 -0.39 6.53
CA ASN B 6 13.16 -0.33 5.16
C ASN B 6 12.01 -0.11 4.18
N ILE B 7 12.18 0.87 3.30
CA ILE B 7 11.21 1.23 2.29
C ILE B 7 11.90 1.12 0.91
N THR B 8 11.27 0.41 -0.02
CA THR B 8 11.78 0.38 -1.40
C THR B 8 10.80 1.12 -2.28
N ALA B 9 11.30 2.08 -3.00
CA ALA B 9 10.49 3.02 -3.75
C ALA B 9 10.92 2.99 -5.21
N ARG B 10 9.98 2.72 -6.10
CA ARG B 10 10.29 2.63 -7.53
C ARG B 10 10.40 4.04 -8.08
N ILE B 11 11.45 4.27 -8.86
CA ILE B 11 11.66 5.58 -9.49
C ILE B 11 10.47 5.94 -10.39
N GLY B 12 10.01 7.21 -10.24
CA GLY B 12 8.95 7.76 -11.02
C GLY B 12 7.58 7.58 -10.36
N GLU B 13 7.50 6.71 -9.30
CA GLU B 13 6.18 6.45 -8.66
CA GLU B 13 6.23 6.42 -8.63
C GLU B 13 6.08 7.30 -7.41
N PRO B 14 4.85 7.61 -6.97
CA PRO B 14 4.71 8.37 -5.71
C PRO B 14 5.06 7.52 -4.52
N LEU B 15 5.38 8.24 -3.44
CA LEU B 15 5.68 7.58 -2.15
C LEU B 15 4.98 8.35 -1.02
N VAL B 16 4.27 7.62 -0.18
CA VAL B 16 3.63 8.19 1.03
C VAL B 16 4.29 7.50 2.24
N LEU B 17 4.82 8.31 3.16
CA LEU B 17 5.45 7.81 4.41
C LEU B 17 4.61 8.28 5.60
N LYS B 18 4.15 7.35 6.44
CA LYS B 18 3.27 7.68 7.57
C LYS B 18 4.06 8.34 8.71
N CYS B 19 3.46 9.32 9.34
CA CYS B 19 4.01 9.90 10.58
C CYS B 19 3.25 9.27 11.73
N LYS B 20 3.83 8.25 12.33
CA LYS B 20 3.15 7.49 13.38
CA LYS B 20 3.17 7.48 13.39
C LYS B 20 2.86 8.38 14.57
N GLY B 21 1.70 8.18 15.19
CA GLY B 21 1.39 8.94 16.38
C GLY B 21 0.92 10.36 16.15
N ALA B 22 0.67 10.77 14.86
CA ALA B 22 0.24 12.14 14.70
C ALA B 22 -1.28 12.20 14.74
N PRO B 23 -1.85 13.31 15.19
CA PRO B 23 -3.32 13.44 15.09
C PRO B 23 -3.77 13.28 13.64
N LYS B 24 -5.04 12.90 13.50
CA LYS B 24 -5.57 12.53 12.18
C LYS B 24 -5.68 13.70 11.22
N LYS B 25 -5.83 14.91 11.73
CA LYS B 25 -6.01 16.09 10.88
C LYS B 25 -5.44 17.27 11.65
N PRO B 26 -5.16 18.38 10.98
CA PRO B 26 -4.60 19.52 11.70
C PRO B 26 -5.56 20.00 12.76
N PRO B 27 -5.05 20.64 13.84
CA PRO B 27 -3.65 21.02 14.03
C PRO B 27 -2.75 19.91 14.54
N GLN B 28 -1.50 19.88 14.09
CA GLN B 28 -0.60 18.82 14.50
C GLN B 28 0.77 19.36 14.83
N ARG B 29 1.27 18.93 15.98
CA ARG B 29 2.65 19.23 16.36
C ARG B 29 3.49 18.08 15.83
N LEU B 30 4.01 18.26 14.60
CA LEU B 30 4.91 17.25 14.06
C LEU B 30 5.95 17.92 13.19
N GLU B 31 7.05 17.18 12.97
CA GLU B 31 8.14 17.66 12.13
C GLU B 31 8.75 16.48 11.36
N TRP B 32 9.01 16.65 10.05
CA TRP B 32 9.80 15.69 9.30
C TRP B 32 11.22 16.20 9.10
N LYS B 33 12.13 15.26 9.12
CA LYS B 33 13.55 15.54 8.83
CA LYS B 33 13.57 15.46 8.95
C LYS B 33 14.02 14.53 7.84
N LEU B 34 14.75 15.00 6.81
CA LEU B 34 15.21 14.04 5.81
C LEU B 34 16.66 14.35 5.48
N ASN B 35 17.40 13.29 5.18
CA ASN B 35 18.81 13.43 4.71
C ASN B 35 18.91 12.51 3.49
N THR B 36 18.95 13.12 2.31
CA THR B 36 18.92 12.37 1.05
C THR B 36 19.94 12.97 0.11
N GLY B 37 19.95 12.46 -1.14
CA GLY B 37 20.90 13.02 -2.11
C GLY B 37 20.62 14.46 -2.43
N ARG B 38 19.41 14.96 -2.10
CA ARG B 38 19.05 16.37 -2.35
C ARG B 38 19.52 17.30 -1.25
N THR B 39 19.88 16.77 -0.06
CA THR B 39 20.09 17.66 1.08
C THR B 39 21.56 17.77 1.48
N GLU B 40 21.87 18.86 2.20
CA GLU B 40 23.14 18.96 2.94
C GLU B 40 22.79 18.53 4.37
N ALA B 41 23.09 17.31 4.72
CA ALA B 41 22.73 16.76 6.06
C ALA B 41 21.20 16.83 6.23
N TRP B 42 20.67 17.16 7.41
N TRP B 42 20.68 17.25 7.36
CA TRP B 42 19.21 17.13 7.64
CA TRP B 42 19.24 17.14 7.57
C TRP B 42 18.52 18.39 7.11
C TRP B 42 18.49 18.40 7.15
N LYS B 43 17.39 18.19 6.42
CA LYS B 43 16.45 19.23 6.06
C LYS B 43 15.15 18.97 6.82
N VAL B 44 14.63 20.04 7.46
CA VAL B 44 13.35 19.96 8.20
C VAL B 44 12.19 20.38 7.29
N LEU B 45 11.10 19.60 7.29
CA LEU B 45 9.87 19.93 6.55
C LEU B 45 8.71 19.98 7.56
N SER B 46 7.83 20.97 7.42
CA SER B 46 6.76 21.24 8.36
CA SER B 46 6.75 21.17 8.37
C SER B 46 5.40 21.13 7.68
N PRO B 47 4.29 20.96 8.45
CA PRO B 47 2.98 20.91 7.80
C PRO B 47 2.69 22.12 6.94
N GLN B 48 3.19 23.33 7.30
CA GLN B 48 2.83 24.51 6.50
C GLN B 48 3.54 24.48 5.16
N GLY B 49 4.71 23.83 5.11
CA GLY B 49 5.39 23.71 3.83
C GLY B 49 5.87 25.07 3.35
N GLY B 50 5.92 25.21 2.02
CA GLY B 50 6.36 26.42 1.37
C GLY B 50 7.68 26.18 0.63
N GLY B 51 7.89 26.96 -0.43
CA GLY B 51 9.18 26.97 -1.09
C GLY B 51 9.34 25.85 -2.08
N PRO B 52 10.56 25.73 -2.59
CA PRO B 52 10.86 24.73 -3.64
C PRO B 52 10.63 23.28 -3.21
N TRP B 53 10.75 22.99 -1.89
CA TRP B 53 10.51 21.64 -1.46
C TRP B 53 9.05 21.22 -1.70
N ASP B 54 8.11 22.17 -1.80
CA ASP B 54 6.71 21.75 -2.01
C ASP B 54 6.58 20.94 -3.29
N SER B 55 7.48 21.17 -4.26
CA SER B 55 7.42 20.41 -5.51
C SER B 55 7.91 18.98 -5.37
N VAL B 56 8.65 18.68 -4.32
CA VAL B 56 9.37 17.44 -4.17
C VAL B 56 8.74 16.56 -3.08
N ALA B 57 8.52 17.13 -1.88
CA ALA B 57 8.06 16.35 -0.72
C ALA B 57 7.21 17.30 0.10
N ARG B 58 5.92 16.96 0.35
CA ARG B 58 4.98 17.83 1.05
C ARG B 58 4.29 17.05 2.17
N VAL B 59 4.00 17.70 3.30
CA VAL B 59 3.22 17.06 4.36
C VAL B 59 1.74 17.13 4.03
N LEU B 60 1.02 15.97 4.09
CA LEU B 60 -0.42 15.85 3.81
C LEU B 60 -1.26 16.21 5.04
N PRO B 61 -2.58 16.36 4.88
CA PRO B 61 -3.41 16.71 6.04
C PRO B 61 -3.26 15.72 7.18
N ASN B 62 -3.01 14.45 6.92
CA ASN B 62 -2.91 13.47 8.01
C ASN B 62 -1.47 13.36 8.54
N GLY B 63 -0.61 14.24 8.11
CA GLY B 63 0.77 14.28 8.62
C GLY B 63 1.74 13.40 7.87
N SER B 64 1.27 12.59 6.93
CA SER B 64 2.19 11.79 6.16
C SER B 64 3.01 12.68 5.19
N LEU B 65 4.20 12.19 4.83
CA LEU B 65 5.02 12.86 3.82
C LEU B 65 4.74 12.25 2.44
N PHE B 66 4.53 13.12 1.46
CA PHE B 66 4.17 12.72 0.10
C PHE B 66 5.23 13.21 -0.90
N LEU B 67 5.73 12.27 -1.70
CA LEU B 67 6.64 12.58 -2.83
C LEU B 67 5.90 12.16 -4.09
N PRO B 68 5.50 13.07 -4.97
CA PRO B 68 4.70 12.64 -6.13
C PRO B 68 5.44 11.73 -7.12
N ALA B 69 6.78 11.87 -7.27
CA ALA B 69 7.50 11.02 -8.24
C ALA B 69 8.94 10.89 -7.72
N VAL B 70 9.21 9.75 -7.08
CA VAL B 70 10.54 9.51 -6.49
C VAL B 70 11.62 9.53 -7.57
N GLY B 71 12.77 10.11 -7.24
CA GLY B 71 13.96 10.00 -8.09
C GLY B 71 15.14 9.40 -7.32
N ILE B 72 16.24 9.17 -8.10
CA ILE B 72 17.43 8.58 -7.50
C ILE B 72 17.91 9.42 -6.31
N GLN B 73 17.80 10.78 -6.43
CA GLN B 73 18.31 11.58 -5.31
C GLN B 73 17.46 11.55 -4.06
N ASP B 74 16.31 10.89 -4.08
CA ASP B 74 15.53 10.74 -2.84
C ASP B 74 15.95 9.58 -1.99
N GLU B 75 16.90 8.79 -2.38
CA GLU B 75 17.46 7.77 -1.50
C GLU B 75 18.00 8.41 -0.24
N GLY B 76 17.70 7.79 0.91
CA GLY B 76 18.24 8.37 2.13
C GLY B 76 17.37 8.01 3.33
N ILE B 77 17.40 8.89 4.32
CA ILE B 77 16.73 8.63 5.59
C ILE B 77 15.63 9.68 5.82
N PHE B 78 14.44 9.23 6.23
CA PHE B 78 13.26 10.08 6.45
C PHE B 78 12.70 9.82 7.83
N ARG B 79 12.56 10.85 8.67
CA ARG B 79 12.13 10.68 10.03
C ARG B 79 11.03 11.65 10.37
N CYS B 80 10.12 11.20 11.22
CA CYS B 80 9.08 12.09 11.73
C CYS B 80 9.13 12.05 13.24
N GLN B 81 8.76 13.17 13.87
CA GLN B 81 8.51 13.17 15.30
C GLN B 81 7.21 13.92 15.52
N ALA B 82 6.28 13.32 16.26
CA ALA B 82 4.96 13.90 16.43
C ALA B 82 4.59 13.81 17.90
N MET B 83 3.71 14.73 18.32
CA MET B 83 3.06 14.66 19.62
C MET B 83 1.56 14.44 19.40
N ASN B 84 0.97 13.51 20.15
CA ASN B 84 -0.48 13.34 20.04
C ASN B 84 -1.21 14.34 20.96
N ARG B 85 -2.55 14.26 20.98
CA ARG B 85 -3.35 15.15 21.82
C ARG B 85 -2.92 15.11 23.29
N ASN B 86 -2.61 13.90 23.80
CA ASN B 86 -2.16 13.70 25.18
C ASN B 86 -0.75 14.26 25.45
N GLY B 87 0.07 14.42 24.42
CA GLY B 87 1.43 14.88 24.60
C GLY B 87 2.50 13.81 24.50
N LYS B 88 2.12 12.56 24.20
CA LYS B 88 3.11 11.51 23.99
C LYS B 88 3.82 11.79 22.67
N GLU B 89 5.14 11.68 22.68
CA GLU B 89 5.92 11.81 21.45
C GLU B 89 6.13 10.44 20.82
N THR B 90 6.06 10.40 19.49
CA THR B 90 6.25 9.18 18.74
C THR B 90 7.21 9.50 17.61
N LYS B 91 8.21 8.64 17.42
CA LYS B 91 9.16 8.76 16.31
C LYS B 91 8.87 7.72 15.23
N SER B 92 9.15 8.12 13.99
CA SER B 92 9.08 7.24 12.83
C SER B 92 10.42 7.37 12.10
N ASN B 93 11.02 6.23 11.72
CA ASN B 93 12.34 6.25 11.09
C ASN B 93 12.29 5.34 9.87
N TYR B 94 12.56 5.91 8.69
CA TYR B 94 12.54 5.16 7.43
C TYR B 94 13.85 5.25 6.69
N ARG B 95 14.28 4.11 6.15
CA ARG B 95 15.42 4.13 5.23
C ARG B 95 14.88 3.81 3.84
N VAL B 96 14.95 4.81 2.94
CA VAL B 96 14.34 4.69 1.61
C VAL B 96 15.43 4.37 0.57
N ARG B 97 15.23 3.25 -0.09
CA ARG B 97 16.10 2.77 -1.18
C ARG B 97 15.31 2.80 -2.46
N VAL B 98 15.92 3.37 -3.53
CA VAL B 98 15.17 3.53 -4.76
C VAL B 98 15.58 2.46 -5.79
N TYR B 99 14.68 2.18 -6.71
CA TYR B 99 15.00 1.18 -7.74
C TYR B 99 14.22 1.40 -9.02
N GLN B 100 14.72 0.82 -10.12
CA GLN B 100 13.95 0.68 -11.33
C GLN B 100 14.22 -0.68 -11.96
N ILE B 101 13.17 -1.22 -12.57
CA ILE B 101 13.22 -2.52 -13.23
C ILE B 101 13.62 -2.29 -14.68
N PRO B 102 14.63 -2.98 -15.16
CA PRO B 102 14.98 -2.83 -16.58
C PRO B 102 13.98 -3.56 -17.45
N GLY B 103 14.09 -3.29 -18.76
CA GLY B 103 13.37 -4.10 -19.73
C GLY B 103 13.91 -5.52 -19.74
N LYS B 104 13.12 -6.44 -20.30
CA LYS B 104 13.54 -7.83 -20.39
C LYS B 104 14.91 -7.91 -21.06
N PRO B 105 15.83 -8.72 -20.54
CA PRO B 105 17.16 -8.80 -21.16
C PRO B 105 17.06 -9.49 -22.50
N GLU B 106 18.06 -9.19 -23.33
CA GLU B 106 18.14 -9.75 -24.67
C GLU B 106 19.53 -10.30 -24.92
N ILE B 107 19.59 -11.35 -25.71
CA ILE B 107 20.86 -11.83 -26.24
C ILE B 107 21.02 -11.27 -27.66
N VAL B 108 22.12 -10.56 -27.88
CA VAL B 108 22.54 -10.14 -29.24
C VAL B 108 23.85 -10.83 -29.70
N ASP B 109 24.02 -10.92 -31.02
CA ASP B 109 25.22 -11.47 -31.66
C ASP B 109 25.51 -12.91 -31.24
N SER B 110 24.47 -13.72 -31.16
CA SER B 110 24.65 -15.08 -30.71
C SER B 110 25.25 -15.93 -31.82
N ALA B 111 26.06 -16.91 -31.44
CA ALA B 111 26.66 -17.79 -32.44
C ALA B 111 25.67 -18.88 -32.81
N SER B 112 25.64 -19.22 -34.09
CA SER B 112 24.86 -20.38 -34.50
CA SER B 112 24.88 -20.37 -34.55
C SER B 112 25.67 -21.67 -34.45
N GLU B 113 26.99 -21.59 -34.53
CA GLU B 113 27.83 -22.79 -34.54
CA GLU B 113 27.86 -22.76 -34.58
C GLU B 113 28.91 -22.61 -33.50
N LEU B 114 29.19 -23.70 -32.77
CA LEU B 114 30.31 -23.75 -31.84
C LEU B 114 31.17 -24.94 -32.22
N THR B 115 32.47 -24.81 -32.00
CA THR B 115 33.41 -25.90 -32.24
C THR B 115 33.88 -26.42 -30.89
N ALA B 116 33.75 -27.74 -30.68
CA ALA B 116 34.18 -28.30 -29.40
C ALA B 116 35.69 -28.25 -29.26
N GLY B 117 36.15 -28.06 -28.01
CA GLY B 117 37.56 -28.11 -27.73
C GLY B 117 38.33 -26.83 -27.94
N VAL B 118 37.69 -25.77 -28.43
CA VAL B 118 38.33 -24.47 -28.58
C VAL B 118 37.39 -23.41 -28.00
N PRO B 119 37.89 -22.21 -27.73
CA PRO B 119 36.99 -21.17 -27.20
C PRO B 119 36.11 -20.64 -28.30
N ASN B 120 34.88 -20.30 -27.95
CA ASN B 120 33.88 -19.78 -28.87
C ASN B 120 33.15 -18.64 -28.20
N LYS B 121 32.88 -17.55 -28.94
CA LYS B 121 31.97 -16.51 -28.49
C LYS B 121 30.53 -16.99 -28.61
N VAL B 122 29.83 -17.10 -27.50
CA VAL B 122 28.47 -17.62 -27.51
C VAL B 122 27.47 -16.51 -27.79
N GLY B 123 27.62 -15.37 -27.15
CA GLY B 123 26.68 -14.29 -27.34
C GLY B 123 26.96 -13.17 -26.36
N THR B 124 26.18 -12.10 -26.50
CA THR B 124 26.26 -10.93 -25.62
C THR B 124 24.88 -10.65 -25.05
N CYS B 125 24.75 -10.62 -23.72
CA CYS B 125 23.49 -10.34 -23.06
C CYS B 125 23.45 -8.86 -22.69
N VAL B 126 22.32 -8.20 -22.94
CA VAL B 126 22.15 -6.77 -22.66
C VAL B 126 20.88 -6.55 -21.85
N SER B 127 20.99 -5.73 -20.80
CA SER B 127 19.88 -5.28 -19.96
C SER B 127 19.91 -3.76 -19.91
N GLU B 128 18.79 -3.10 -20.20
CA GLU B 128 18.76 -1.64 -20.19
C GLU B 128 17.75 -1.10 -19.20
N GLY B 129 18.20 -0.17 -18.37
CA GLY B 129 17.30 0.63 -17.56
C GLY B 129 17.15 0.22 -16.10
N SER B 130 18.16 -0.36 -15.46
CA SER B 130 18.03 -0.77 -14.06
C SER B 130 18.54 0.30 -13.09
N TYR B 131 18.00 0.25 -11.86
CA TYR B 131 18.64 0.88 -10.72
C TYR B 131 18.28 0.07 -9.48
N PRO B 132 19.24 -0.24 -8.59
CA PRO B 132 20.69 -0.10 -8.79
C PRO B 132 21.11 -0.99 -9.93
N ALA B 133 22.41 -1.01 -10.23
CA ALA B 133 22.82 -1.68 -11.48
C ALA B 133 22.31 -3.11 -11.61
N GLY B 134 22.49 -3.95 -10.58
CA GLY B 134 22.16 -5.36 -10.74
C GLY B 134 23.29 -6.05 -11.48
N THR B 135 23.05 -7.33 -11.80
CA THR B 135 24.11 -8.11 -12.48
C THR B 135 23.49 -9.04 -13.51
N LEU B 136 24.30 -9.47 -14.50
CA LEU B 136 23.88 -10.47 -15.48
C LEU B 136 24.65 -11.77 -15.24
N SER B 137 23.98 -12.90 -15.51
CA SER B 137 24.66 -14.18 -15.39
CA SER B 137 24.62 -14.21 -15.35
C SER B 137 24.14 -15.12 -16.47
N TRP B 138 24.92 -16.16 -16.73
CA TRP B 138 24.63 -17.09 -17.82
C TRP B 138 24.29 -18.46 -17.27
N HIS B 139 23.47 -19.21 -18.00
CA HIS B 139 23.07 -20.57 -17.67
C HIS B 139 23.19 -21.47 -18.90
N LEU B 140 23.52 -22.71 -18.61
CA LEU B 140 23.65 -23.75 -19.64
C LEU B 140 22.77 -24.90 -19.20
N ASP B 141 21.80 -25.24 -20.04
CA ASP B 141 20.75 -26.24 -19.78
C ASP B 141 20.30 -26.22 -18.32
N GLY B 142 19.93 -25.03 -17.87
CA GLY B 142 19.35 -24.84 -16.56
C GLY B 142 20.33 -24.79 -15.41
N LYS B 143 21.63 -24.83 -15.66
CA LYS B 143 22.52 -24.71 -14.53
C LYS B 143 23.36 -23.46 -14.67
N PRO B 144 23.71 -22.79 -13.57
CA PRO B 144 24.56 -21.60 -13.65
C PRO B 144 25.91 -21.92 -14.27
N LEU B 145 26.36 -21.07 -15.18
CA LEU B 145 27.71 -21.11 -15.69
C LEU B 145 28.60 -20.22 -14.84
N VAL B 146 29.67 -20.77 -14.30
CA VAL B 146 30.53 -20.00 -13.39
C VAL B 146 31.75 -19.51 -14.18
N PRO B 147 32.02 -18.21 -14.22
CA PRO B 147 33.24 -17.75 -14.92
C PRO B 147 34.52 -18.34 -14.34
N ASN B 148 35.46 -18.61 -15.24
CA ASN B 148 36.79 -19.15 -14.93
C ASN B 148 36.76 -20.52 -14.28
N GLU B 149 35.70 -21.30 -14.45
CA GLU B 149 35.64 -22.57 -13.75
C GLU B 149 35.74 -23.80 -14.64
N LYS B 150 35.30 -23.73 -15.89
CA LYS B 150 35.37 -24.93 -16.72
C LYS B 150 35.41 -24.58 -18.21
N GLY B 151 36.42 -23.82 -18.64
CA GLY B 151 36.40 -23.35 -20.02
C GLY B 151 35.33 -22.30 -20.25
N VAL B 152 34.96 -21.54 -19.23
CA VAL B 152 33.99 -20.46 -19.34
C VAL B 152 34.72 -19.17 -19.10
N SER B 153 34.50 -18.18 -19.94
CA SER B 153 34.99 -16.86 -19.57
C SER B 153 33.95 -15.80 -19.92
N VAL B 154 33.91 -14.75 -19.12
CA VAL B 154 32.90 -13.72 -19.28
C VAL B 154 33.59 -12.37 -19.19
N LYS B 155 33.14 -11.43 -20.01
CA LYS B 155 33.52 -10.03 -19.86
C LYS B 155 32.28 -9.19 -19.70
N GLU B 156 32.39 -8.11 -18.90
CA GLU B 156 31.24 -7.32 -18.53
C GLU B 156 31.50 -5.84 -18.73
N GLN B 157 30.43 -5.16 -19.04
CA GLN B 157 30.44 -3.70 -19.21
C GLN B 157 29.23 -3.05 -18.57
N THR B 158 29.43 -1.87 -17.96
CA THR B 158 28.36 -1.06 -17.40
C THR B 158 28.41 0.35 -17.97
N ARG B 159 27.22 0.86 -18.35
CA ARG B 159 27.06 2.24 -18.83
C ARG B 159 25.89 2.87 -18.14
N ARG B 160 25.88 4.20 -18.05
CA ARG B 160 24.71 4.91 -17.53
C ARG B 160 24.07 5.80 -18.57
N HIS B 161 22.74 5.91 -18.49
CA HIS B 161 22.07 6.83 -19.37
C HIS B 161 22.41 8.25 -18.92
N PRO B 162 22.77 9.15 -19.81
CA PRO B 162 23.30 10.45 -19.37
C PRO B 162 22.30 11.34 -18.69
N GLU B 163 20.99 11.14 -18.94
CA GLU B 163 19.98 11.99 -18.29
C GLU B 163 19.27 11.28 -17.15
N THR B 164 18.96 10.01 -17.31
CA THR B 164 18.18 9.34 -16.24
C THR B 164 19.02 8.67 -15.23
N GLY B 165 20.32 8.40 -15.49
CA GLY B 165 21.13 7.72 -14.52
C GLY B 165 20.96 6.22 -14.47
N LEU B 166 20.02 5.66 -15.26
CA LEU B 166 19.77 4.22 -15.19
C LEU B 166 20.87 3.45 -15.90
N PHE B 167 21.07 2.21 -15.47
CA PHE B 167 22.20 1.39 -15.94
C PHE B 167 21.85 0.47 -17.09
N THR B 168 22.79 0.37 -18.05
CA THR B 168 22.78 -0.65 -19.09
C THR B 168 23.96 -1.56 -18.85
N LEU B 169 23.68 -2.87 -18.75
CA LEU B 169 24.68 -3.90 -18.52
C LEU B 169 24.85 -4.74 -19.77
N GLN B 170 26.10 -5.12 -20.07
CA GLN B 170 26.39 -6.09 -21.12
C GLN B 170 27.33 -7.16 -20.59
N SER B 171 27.11 -8.40 -21.03
CA SER B 171 27.90 -9.53 -20.60
C SER B 171 28.18 -10.40 -21.82
N GLU B 172 29.45 -10.62 -22.16
CA GLU B 172 29.85 -11.47 -23.28
C GLU B 172 30.34 -12.79 -22.75
N LEU B 173 29.75 -13.88 -23.24
CA LEU B 173 30.09 -15.23 -22.81
C LEU B 173 30.95 -15.90 -23.84
N MET B 174 32.04 -16.53 -23.40
CA MET B 174 32.84 -17.48 -24.19
C MET B 174 32.86 -18.83 -23.50
N VAL B 175 32.77 -19.89 -24.29
CA VAL B 175 32.88 -21.25 -23.77
C VAL B 175 33.75 -22.10 -24.68
N THR B 176 34.45 -23.06 -24.06
CA THR B 176 35.12 -24.17 -24.74
C THR B 176 34.29 -25.43 -24.47
N PRO B 177 33.44 -25.87 -25.41
CA PRO B 177 32.63 -27.07 -25.17
C PRO B 177 33.52 -28.29 -25.00
N ALA B 178 33.17 -29.13 -24.04
CA ALA B 178 33.87 -30.40 -23.88
C ALA B 178 33.59 -31.35 -25.04
N ARG B 179 34.64 -32.04 -25.48
CA ARG B 179 34.47 -33.04 -26.51
C ARG B 179 33.49 -34.12 -26.05
N GLY B 180 32.66 -34.59 -26.98
CA GLY B 180 31.65 -35.57 -26.65
C GLY B 180 30.49 -35.05 -25.82
N GLY B 181 30.26 -33.74 -25.78
CA GLY B 181 29.15 -33.17 -25.05
C GLY B 181 27.88 -33.09 -25.89
N ASP B 182 26.90 -32.33 -25.37
CA ASP B 182 25.58 -32.26 -26.01
C ASP B 182 25.66 -31.50 -27.34
N PRO B 183 25.14 -32.06 -28.45
CA PRO B 183 25.26 -31.35 -29.74
C PRO B 183 24.38 -30.11 -29.87
N ARG B 184 23.33 -29.97 -29.07
CA ARG B 184 22.45 -28.81 -29.14
C ARG B 184 22.24 -28.26 -27.73
N PRO B 185 23.28 -27.65 -27.14
CA PRO B 185 23.14 -27.07 -25.79
C PRO B 185 22.22 -25.87 -25.81
N THR B 186 21.72 -25.51 -24.62
CA THR B 186 20.78 -24.40 -24.48
C THR B 186 21.36 -23.40 -23.49
N PHE B 187 21.61 -22.17 -23.96
CA PHE B 187 22.15 -21.12 -23.13
C PHE B 187 21.08 -20.06 -22.87
N SER B 188 21.14 -19.45 -21.68
CA SER B 188 20.29 -18.29 -21.41
C SER B 188 21.06 -17.33 -20.52
N CYS B 189 20.56 -16.10 -20.42
CA CYS B 189 21.11 -15.10 -19.54
C CYS B 189 19.99 -14.56 -18.66
N SER B 190 20.33 -14.22 -17.44
CA SER B 190 19.37 -13.65 -16.51
CA SER B 190 19.38 -13.67 -16.47
C SER B 190 19.91 -12.38 -15.89
N PHE B 191 19.00 -11.44 -15.63
CA PHE B 191 19.26 -10.21 -14.89
C PHE B 191 18.82 -10.43 -13.44
N SER B 192 19.74 -10.20 -12.46
CA SER B 192 19.45 -10.29 -11.04
CA SER B 192 19.44 -10.28 -11.03
C SER B 192 19.43 -8.88 -10.45
N PRO B 193 18.28 -8.41 -9.92
CA PRO B 193 18.25 -7.06 -9.36
C PRO B 193 19.12 -6.94 -8.13
N GLY B 194 19.49 -5.69 -7.84
CA GLY B 194 20.25 -5.43 -6.60
C GLY B 194 19.45 -5.58 -5.31
N LEU B 195 18.17 -5.16 -5.30
CA LEU B 195 17.52 -5.20 -3.99
C LEU B 195 16.96 -6.61 -3.62
N PRO B 196 16.83 -6.91 -2.30
CA PRO B 196 16.34 -8.24 -1.88
C PRO B 196 14.90 -8.51 -2.32
N ARG B 197 14.64 -9.77 -2.64
CA ARG B 197 13.31 -10.30 -2.94
C ARG B 197 12.75 -9.79 -4.29
N HIS B 198 13.50 -9.01 -5.04
CA HIS B 198 13.05 -8.64 -6.37
C HIS B 198 13.36 -9.79 -7.34
N ARG B 199 12.45 -10.04 -8.29
CA ARG B 199 12.56 -11.22 -9.16
C ARG B 199 13.55 -11.02 -10.29
N ALA B 200 14.17 -12.13 -10.69
CA ALA B 200 15.08 -12.14 -11.82
C ALA B 200 14.29 -12.08 -13.13
N LEU B 201 14.92 -11.56 -14.16
CA LEU B 201 14.38 -11.56 -15.52
C LEU B 201 15.27 -12.43 -16.40
N ARG B 202 14.70 -13.17 -17.35
CA ARG B 202 15.45 -14.14 -18.12
C ARG B 202 15.29 -13.88 -19.61
N THR B 203 16.37 -14.15 -20.36
CA THR B 203 16.24 -14.08 -21.82
C THR B 203 15.61 -15.34 -22.39
N ALA B 204 15.18 -15.20 -23.63
CA ALA B 204 14.88 -16.35 -24.44
C ALA B 204 16.16 -17.16 -24.64
N PRO B 205 16.06 -18.47 -24.76
CA PRO B 205 17.27 -19.31 -24.89
C PRO B 205 17.85 -19.25 -26.30
N ILE B 206 19.13 -19.57 -26.38
CA ILE B 206 19.71 -19.84 -27.69
C ILE B 206 20.24 -21.25 -27.71
N GLN B 207 20.16 -21.87 -28.88
CA GLN B 207 20.54 -23.26 -29.03
C GLN B 207 21.41 -23.39 -30.27
N PRO B 208 22.71 -23.14 -30.15
CA PRO B 208 23.63 -23.40 -31.27
C PRO B 208 23.88 -24.89 -31.47
N ARG B 209 24.47 -25.21 -32.64
CA ARG B 209 24.98 -26.54 -32.91
C ARG B 209 26.47 -26.61 -32.57
N VAL B 210 26.88 -27.72 -31.94
CA VAL B 210 28.27 -27.95 -31.57
C VAL B 210 28.91 -29.01 -32.49
N TRP B 211 30.03 -28.63 -33.10
CA TRP B 211 30.77 -29.52 -33.98
CA TRP B 211 30.79 -29.50 -33.98
C TRP B 211 31.86 -30.25 -33.20
N GLU B 212 31.87 -31.57 -33.33
CA GLU B 212 32.91 -32.38 -32.72
C GLU B 212 34.16 -32.32 -33.58
C ACT C . -18.45 -0.25 -11.98
O ACT C . -17.85 -0.43 -10.82
OXT ACT C . -18.08 -0.41 -13.14
CH3 ACT C . -19.77 0.21 -11.96
C ACT D . -19.74 0.39 -18.38
O ACT D . -20.00 0.09 -17.18
OXT ACT D . -19.26 1.45 -18.86
CH3 ACT D . -20.09 -0.69 -19.47
C ACT E . -8.60 -2.83 -12.68
O ACT E . -8.25 -2.09 -11.62
OXT ACT E . -9.46 -2.66 -13.57
CH3 ACT E . -7.83 -4.08 -12.87
C ACT F . -31.44 3.02 15.27
O ACT F . -32.37 2.38 15.92
OXT ACT F . -31.54 4.10 14.48
CH3 ACT F . -30.01 2.35 15.46
CL CL G . -19.60 16.98 -12.19
C21 V74 H . -7.26 6.35 -24.47
C18 V74 H . -8.91 8.50 -23.83
C16 V74 H . -12.04 7.45 -22.20
C19 V74 H . -7.53 8.62 -23.77
C26 V74 H . -5.56 10.74 -26.65
C14 V74 H . -11.85 6.60 -18.51
C12 V74 H . -12.28 6.72 -20.88
C17 V74 H . -9.47 7.31 -24.21
C22 V74 H . -8.65 6.23 -24.54
C27 V74 H . -4.80 11.85 -26.27
C25 V74 H . -6.31 10.08 -25.69
C24 V74 H . -6.29 10.51 -24.37
C30 V74 H . -3.98 12.59 -27.31
C29 V74 H . -5.53 11.61 -24.00
C28 V74 H . -4.78 12.28 -24.95
C01 V74 H . -13.92 0.05 -17.52
C02 V74 H . -14.99 0.43 -18.31
C03 V74 H . -14.99 1.69 -18.93
C04 V74 H . -13.92 2.56 -18.77
C05 V74 H . -12.84 2.16 -17.98
C06 V74 H . -12.85 0.92 -17.37
C08 V74 H . -15.43 3.50 -20.06
C09 V74 H . -14.18 3.68 -19.48
C10 V74 H . -13.29 4.94 -19.59
C11 V74 H . -13.09 5.58 -20.82
C13 V74 H . -11.67 7.22 -19.73
C15 V74 H . -12.67 5.45 -18.47
C20 V74 H . -6.70 7.55 -24.08
C33 V74 H . -16.19 4.48 -20.95
C37 V74 H . -10.99 7.18 -24.27
N07 V74 H . -15.91 2.29 -19.73
O23 V74 H . -7.03 9.86 -23.38
O31 V74 H . -3.35 13.62 -26.96
O32 V74 H . -3.92 12.17 -28.50
O34 V74 H . -16.66 4.10 -22.06
O35 V74 H . -16.40 5.66 -20.58
O36 V74 H . -11.42 6.56 -23.07
C ACT I . 19.01 5.72 10.34
O ACT I . 18.46 5.97 11.40
OXT ACT I . 20.14 6.04 10.02
CH3 ACT I . 18.24 4.81 9.30
C ACT J . 19.95 8.92 15.66
O ACT J . 19.50 10.08 15.65
OXT ACT J . 20.35 8.25 14.73
CH3 ACT J . 20.04 8.17 17.05
C ACT K . 8.84 3.15 12.11
O ACT K . 8.27 2.28 12.82
OXT ACT K . 8.62 3.49 10.85
CH3 ACT K . 9.85 3.89 12.86
CL CL L . 19.54 21.07 2.66
C21 V74 M . 7.38 16.81 18.52
C18 V74 M . 8.96 18.50 16.94
C16 V74 M . 12.24 16.93 15.95
C19 V74 M . 7.57 18.55 16.86
C26 V74 M . 4.80 22.36 16.35
C14 V74 M . 12.04 14.50 13.04
C12 V74 M . 12.47 15.70 15.08
C17 V74 M . 9.55 17.61 17.81
C22 V74 M . 8.76 16.77 18.60
C27 V74 M . 4.79 22.53 17.74
C25 V74 M . 5.55 21.33 15.78
C24 V74 M . 6.29 20.49 16.59
C30 V74 M . 3.96 23.66 18.34
C29 V74 M . 6.28 20.67 17.97
C28 V74 M . 5.53 21.68 18.54
C01 V74 M . 14.33 8.25 15.13
C02 V74 M . 15.37 8.99 15.67
C03 V74 M . 15.31 10.39 15.66
C04 V74 M . 14.22 11.04 15.10
C05 V74 M . 13.18 10.29 14.56
C06 V74 M . 13.24 8.91 14.56
C08 V74 M . 15.65 12.54 15.86
C09 V74 M . 14.42 12.38 15.23
C10 V74 M . 13.50 13.53 14.76
C11 V74 M . 13.29 14.66 15.54
C13 V74 M . 11.85 15.61 13.84
C15 V74 M . 12.87 13.47 13.51
C20 V74 M . 6.78 17.70 17.64
C33 V74 M . 16.32 13.87 16.21
C37 V74 M . 11.08 17.56 17.90
N07 V74 M . 16.17 11.32 16.12
O23 V74 M . 7.03 19.47 15.98
O31 V74 M . 3.36 24.45 17.57
O32 V74 M . 3.89 23.79 19.60
O34 V74 M . 16.45 14.76 15.35
O35 V74 M . 16.75 14.04 17.38
O36 V74 M . 11.54 16.50 17.09
#